data_3LOX
#
_entry.id   3LOX
#
_cell.length_a   224.020
_cell.length_b   224.020
_cell.length_c   75.240
_cell.angle_alpha   90.00
_cell.angle_beta   90.00
_cell.angle_gamma   120.00
#
_symmetry.space_group_name_H-M   'H 3 2'
#
loop_
_entity.id
_entity.type
_entity.pdbx_description
1 polymer 'HCV NS3 Protease'
2 polymer 'HCV NS4a(21-39) peptide'
3 non-polymer 'ZINC ION'
4 non-polymer '(1R,2S,5S)-N-[(2S,3R)-4-amino-1-cyclobutyl-3-hydroxy-4-oxobutan-2-yl]-6,6-dimethyl-3-{3-methyl-N-[(1-methylcyclohexyl)c arbamoyl]-L-valyl}-3-azabicyclo[3.1.0]hexane-2-carboxamide'
5 non-polymer BETA-MERCAPTOETHANOL
6 water water
#
loop_
_entity_poly.entity_id
_entity_poly.type
_entity_poly.pdbx_seq_one_letter_code
_entity_poly.pdbx_strand_id
1 'polypeptide(L)'
;MASMTGGQQMGAPITAYAQQTRGLLGCIITSLTGRDKNQVEGEVQIVSTATQTFLATCINGVCWTVYHGAGTRTIASPKG
PVIQMYTNVDQDLVGWPAPQGSRSLTPCTCGSSDLYLVTRHADVIPVRRRGDSRGSLLSPRPISYLKGSSGGPLLCPAGH
AVGLFRAAVCTRGVAKAVDFIPVENLETTMRSGSHHHHHH
;
A,C
2 'polypeptide(L)' KKGSVVIVGRIVLSGKPAIIPKK B,D
#
# COMPACT_ATOMS: atom_id res chain seq x y z
N ALA A 12 -9.60 -6.77 4.28
CA ALA A 12 -8.49 -6.39 3.34
C ALA A 12 -7.63 -5.32 4.00
N PRO A 13 -6.31 -5.37 3.77
CA PRO A 13 -5.35 -4.43 4.33
C PRO A 13 -5.20 -3.17 3.45
N ILE A 14 -4.53 -2.15 3.99
CA ILE A 14 -4.31 -0.91 3.26
C ILE A 14 -3.23 -1.11 2.21
N THR A 15 -3.61 -0.97 0.95
CA THR A 15 -2.67 -1.10 -0.16
C THR A 15 -2.97 0.06 -1.09
N ALA A 16 -1.94 0.62 -1.72
CA ALA A 16 -2.14 1.76 -2.60
C ALA A 16 -1.23 1.69 -3.79
N TYR A 17 -1.62 2.39 -4.84
CA TYR A 17 -0.79 2.49 -6.03
C TYR A 17 -0.83 3.91 -6.56
N ALA A 18 0.14 4.22 -7.42
CA ALA A 18 0.23 5.54 -8.00
C ALA A 18 0.25 5.51 -9.52
N GLN A 19 -0.09 6.64 -10.12
CA GLN A 19 -0.10 6.82 -11.56
C GLN A 19 0.18 8.29 -11.83
N GLN A 20 1.14 8.56 -12.72
CA GLN A 20 1.45 9.95 -13.05
C GLN A 20 0.57 10.30 -14.23
N THR A 21 -0.04 11.48 -14.18
CA THR A 21 -0.94 11.90 -15.23
C THR A 21 -0.39 12.95 -16.14
N ARG A 22 0.69 13.61 -15.74
CA ARG A 22 1.29 14.61 -16.61
C ARG A 22 2.69 14.99 -16.23
N GLY A 23 3.46 15.40 -17.23
CA GLY A 23 4.85 15.78 -17.02
C GLY A 23 5.09 17.26 -16.88
N LEU A 24 6.38 17.62 -16.76
CA LEU A 24 6.82 19.00 -16.58
C LEU A 24 6.10 20.03 -17.43
N LEU A 25 6.23 19.88 -18.74
CA LEU A 25 5.64 20.82 -19.68
C LEU A 25 4.11 20.91 -19.61
N GLY A 26 3.44 19.77 -19.51
CA GLY A 26 1.99 19.79 -19.43
C GLY A 26 1.58 20.44 -18.12
N CYS A 27 2.39 20.19 -17.10
CA CYS A 27 2.16 20.73 -15.78
C CYS A 27 2.19 22.26 -15.84
N ILE A 28 3.30 22.78 -16.38
CA ILE A 28 3.52 24.22 -16.52
C ILE A 28 2.44 24.95 -17.32
N ILE A 29 2.07 24.39 -18.46
CA ILE A 29 1.04 24.99 -19.30
C ILE A 29 -0.25 25.04 -18.49
N THR A 30 -0.54 23.95 -17.79
CA THR A 30 -1.76 23.84 -16.99
C THR A 30 -1.73 24.75 -15.78
N SER A 31 -0.54 24.99 -15.24
CA SER A 31 -0.41 25.85 -14.07
C SER A 31 -0.89 27.24 -14.49
N LEU A 32 -0.39 27.71 -15.62
CA LEU A 32 -0.74 29.02 -16.17
C LEU A 32 -2.19 29.04 -16.65
N THR A 33 -2.51 28.19 -17.61
CA THR A 33 -3.85 28.09 -18.16
C THR A 33 -4.91 27.96 -17.07
N GLY A 34 -4.58 27.17 -16.04
CA GLY A 34 -5.49 26.93 -14.94
C GLY A 34 -6.60 25.99 -15.36
N ARG A 35 -6.51 25.48 -16.57
CA ARG A 35 -7.51 24.58 -17.09
C ARG A 35 -6.92 23.19 -17.27
N ASP A 36 -7.41 22.25 -16.48
CA ASP A 36 -6.96 20.87 -16.55
C ASP A 36 -8.12 20.04 -17.02
N LYS A 37 -7.90 19.29 -18.09
CA LYS A 37 -8.95 18.46 -18.66
C LYS A 37 -8.79 16.96 -18.43
N ASN A 38 -7.78 16.57 -17.66
CA ASN A 38 -7.53 15.16 -17.38
C ASN A 38 -8.62 14.59 -16.47
N GLN A 39 -8.92 13.29 -16.63
CA GLN A 39 -9.93 12.65 -15.79
C GLN A 39 -9.30 12.37 -14.45
N VAL A 40 -10.04 12.56 -13.37
CA VAL A 40 -9.51 12.35 -12.03
C VAL A 40 -10.06 11.07 -11.40
N GLU A 41 -9.20 10.34 -10.70
CA GLU A 41 -9.56 9.12 -10.01
C GLU A 41 -8.71 9.04 -8.76
N GLY A 42 -9.24 8.47 -7.69
CA GLY A 42 -8.44 8.32 -6.49
C GLY A 42 -8.76 9.18 -5.29
N GLU A 43 -8.25 8.74 -4.14
CA GLU A 43 -8.49 9.43 -2.87
C GLU A 43 -7.45 10.51 -2.64
N VAL A 44 -6.23 10.30 -3.13
CA VAL A 44 -5.13 11.24 -2.95
C VAL A 44 -4.55 11.72 -4.29
N GLN A 45 -4.37 13.02 -4.43
CA GLN A 45 -3.85 13.60 -5.65
C GLN A 45 -2.42 14.06 -5.46
N ILE A 46 -1.57 13.76 -6.43
CA ILE A 46 -0.16 14.17 -6.42
C ILE A 46 -0.24 15.55 -7.06
N VAL A 47 0.10 16.56 -6.28
CA VAL A 47 0.00 17.96 -6.67
C VAL A 47 1.33 18.68 -6.85
N SER A 48 1.37 19.65 -7.76
CA SER A 48 2.59 20.43 -8.02
C SER A 48 2.34 21.92 -8.23
N THR A 49 3.33 22.71 -7.86
CA THR A 49 3.32 24.15 -8.04
C THR A 49 4.62 24.30 -8.81
N ALA A 50 4.91 25.49 -9.31
CA ALA A 50 6.14 25.68 -10.06
C ALA A 50 7.35 25.52 -9.16
N THR A 51 7.12 25.55 -7.85
CA THR A 51 8.21 25.44 -6.90
C THR A 51 8.32 24.09 -6.20
N GLN A 52 7.22 23.36 -6.06
CA GLN A 52 7.26 22.07 -5.37
C GLN A 52 6.11 21.10 -5.65
N THR A 53 6.32 19.84 -5.30
CA THR A 53 5.30 18.81 -5.49
C THR A 53 5.04 18.11 -4.17
N PHE A 54 3.77 17.86 -3.89
CA PHE A 54 3.34 17.22 -2.66
C PHE A 54 2.03 16.48 -2.90
N LEU A 55 1.30 16.18 -1.83
CA LEU A 55 0.04 15.47 -1.94
C LEU A 55 -1.11 16.29 -1.42
N ALA A 56 -2.31 15.83 -1.74
CA ALA A 56 -3.56 16.45 -1.33
C ALA A 56 -4.49 15.28 -1.19
N THR A 57 -5.21 15.24 -0.07
CA THR A 57 -6.15 14.16 0.24
C THR A 57 -7.60 14.64 0.21
N CYS A 58 -8.46 13.86 -0.44
CA CYS A 58 -9.88 14.21 -0.50
C CYS A 58 -10.60 13.56 0.66
N ILE A 59 -11.03 14.36 1.61
CA ILE A 59 -11.76 13.85 2.77
C ILE A 59 -13.11 14.53 2.77
N ASN A 60 -14.15 13.73 2.86
CA ASN A 60 -15.53 14.21 2.88
C ASN A 60 -15.83 15.25 1.81
N GLY A 61 -15.59 14.87 0.57
CA GLY A 61 -15.85 15.75 -0.56
C GLY A 61 -14.98 16.97 -0.70
N VAL A 62 -13.97 17.10 0.15
CA VAL A 62 -13.07 18.25 0.10
C VAL A 62 -11.64 17.81 -0.13
N CYS A 63 -10.97 18.46 -1.06
CA CYS A 63 -9.59 18.15 -1.40
C CYS A 63 -8.65 19.00 -0.55
N TRP A 64 -8.22 18.44 0.58
CA TRP A 64 -7.36 19.10 1.54
C TRP A 64 -5.88 18.91 1.29
N THR A 65 -5.10 19.93 1.61
CA THR A 65 -3.66 19.84 1.48
C THR A 65 -3.00 20.75 2.49
N VAL A 66 -1.69 20.76 2.48
CA VAL A 66 -0.90 21.54 3.41
C VAL A 66 -0.68 22.99 2.92
N TYR A 67 -0.98 23.97 3.78
CA TYR A 67 -0.84 25.39 3.43
C TYR A 67 0.56 25.80 3.03
N HIS A 68 1.58 25.28 3.72
CA HIS A 68 2.96 25.62 3.39
C HIS A 68 3.43 25.10 2.02
N GLY A 69 2.49 24.56 1.25
CA GLY A 69 2.83 24.05 -0.07
C GLY A 69 1.91 24.67 -1.09
N ALA A 70 0.61 24.61 -0.84
CA ALA A 70 -0.39 25.15 -1.76
C ALA A 70 -0.51 26.64 -1.62
N GLY A 71 -0.12 27.15 -0.45
CA GLY A 71 -0.23 28.56 -0.21
C GLY A 71 -1.69 28.94 -0.33
N THR A 72 -1.95 30.05 -0.98
CA THR A 72 -3.31 30.50 -1.14
C THR A 72 -3.78 30.32 -2.59
N ARG A 73 -3.00 29.57 -3.38
CA ARG A 73 -3.30 29.32 -4.80
C ARG A 73 -4.65 28.66 -5.05
N THR A 74 -4.97 28.58 -6.34
CA THR A 74 -6.20 27.96 -6.81
C THR A 74 -5.81 26.61 -7.43
N ILE A 75 -6.77 25.72 -7.60
CA ILE A 75 -6.44 24.44 -8.20
C ILE A 75 -6.96 24.45 -9.63
N ALA A 76 -6.10 24.10 -10.57
CA ALA A 76 -6.47 24.04 -11.97
C ALA A 76 -7.52 22.96 -12.13
N SER A 77 -8.54 23.19 -12.94
CA SER A 77 -9.59 22.19 -13.14
C SER A 77 -10.15 22.26 -14.57
N PRO A 78 -11.11 21.40 -14.90
CA PRO A 78 -11.68 21.41 -16.25
C PRO A 78 -12.42 22.69 -16.60
N LYS A 79 -12.73 23.49 -15.59
CA LYS A 79 -13.45 24.73 -15.81
C LYS A 79 -12.58 25.93 -15.48
N GLY A 80 -11.27 25.72 -15.43
CA GLY A 80 -10.36 26.82 -15.10
C GLY A 80 -9.96 26.74 -13.65
N PRO A 81 -9.39 27.79 -13.08
CA PRO A 81 -8.97 27.79 -11.68
C PRO A 81 -10.15 27.76 -10.73
N VAL A 82 -9.97 27.03 -9.64
CA VAL A 82 -11.00 26.91 -8.64
C VAL A 82 -10.42 27.50 -7.37
N ILE A 83 -11.16 28.43 -6.76
CA ILE A 83 -10.71 29.11 -5.55
C ILE A 83 -10.88 28.18 -4.36
N GLN A 84 -10.04 28.37 -3.36
CA GLN A 84 -10.05 27.56 -2.17
C GLN A 84 -11.33 27.71 -1.39
N MET A 85 -11.81 26.60 -0.84
CA MET A 85 -13.02 26.62 -0.03
C MET A 85 -12.66 27.06 1.38
N TYR A 86 -11.49 26.62 1.85
CA TYR A 86 -11.02 26.93 3.18
C TYR A 86 -9.55 27.23 3.11
N THR A 87 -9.11 28.15 3.94
CA THR A 87 -7.70 28.54 4.01
C THR A 87 -7.47 28.85 5.47
N ASN A 88 -6.54 28.15 6.10
CA ASN A 88 -6.27 28.41 7.50
C ASN A 88 -4.79 28.40 7.72
N VAL A 89 -4.18 29.57 7.56
CA VAL A 89 -2.76 29.72 7.72
C VAL A 89 -2.23 29.12 9.02
N ASP A 90 -2.99 29.26 10.10
CA ASP A 90 -2.53 28.74 11.38
C ASP A 90 -2.60 27.23 11.47
N GLN A 91 -3.68 26.64 10.96
CA GLN A 91 -3.82 25.18 10.99
C GLN A 91 -2.92 24.54 9.93
N ASP A 92 -2.41 25.40 9.03
CA ASP A 92 -1.54 25.01 7.94
C ASP A 92 -2.34 24.12 6.98
N LEU A 93 -3.60 24.48 6.77
CA LEU A 93 -4.52 23.75 5.89
C LEU A 93 -5.13 24.64 4.82
N VAL A 94 -5.51 24.04 3.70
CA VAL A 94 -6.22 24.74 2.63
C VAL A 94 -7.05 23.62 2.04
N GLY A 95 -8.20 23.93 1.48
CA GLY A 95 -9.02 22.88 0.89
C GLY A 95 -9.83 23.43 -0.24
N TRP A 96 -9.87 22.73 -1.38
CA TRP A 96 -10.66 23.14 -2.56
C TRP A 96 -11.75 22.09 -2.70
N PRO A 97 -12.81 22.37 -3.47
CA PRO A 97 -13.85 21.34 -3.61
C PRO A 97 -13.17 20.16 -4.26
N ALA A 98 -13.36 18.95 -3.75
CA ALA A 98 -12.70 17.78 -4.35
C ALA A 98 -13.02 17.67 -5.83
N PRO A 99 -12.01 17.40 -6.65
CA PRO A 99 -12.14 17.25 -8.09
C PRO A 99 -13.20 16.25 -8.51
N GLN A 100 -13.89 16.56 -9.59
CA GLN A 100 -14.89 15.67 -10.11
C GLN A 100 -14.19 14.38 -10.53
N GLY A 101 -14.62 13.27 -9.95
CA GLY A 101 -14.02 12.00 -10.29
C GLY A 101 -13.18 11.42 -9.18
N SER A 102 -12.86 12.21 -8.16
CA SER A 102 -12.06 11.73 -7.04
C SER A 102 -12.95 10.97 -6.06
N ARG A 103 -12.35 10.22 -5.13
CA ARG A 103 -13.11 9.48 -4.12
C ARG A 103 -12.63 9.97 -2.75
N SER A 104 -13.56 10.23 -1.85
CA SER A 104 -13.17 10.72 -0.54
C SER A 104 -13.05 9.66 0.53
N LEU A 105 -12.19 9.95 1.50
CA LEU A 105 -11.98 9.09 2.66
C LEU A 105 -12.87 9.75 3.71
N THR A 106 -13.13 9.04 4.81
CA THR A 106 -13.93 9.63 5.91
C THR A 106 -13.07 9.58 7.16
N PRO A 107 -13.31 10.52 8.10
CA PRO A 107 -12.55 10.58 9.34
C PRO A 107 -12.67 9.31 10.19
N CYS A 108 -11.68 9.12 11.07
CA CYS A 108 -11.62 7.96 11.95
C CYS A 108 -12.56 8.15 13.12
N THR A 109 -13.27 7.06 13.44
CA THR A 109 -14.24 7.01 14.54
C THR A 109 -13.92 5.81 15.45
N CYS A 110 -12.64 5.67 15.82
CA CYS A 110 -12.22 4.54 16.65
C CYS A 110 -10.97 4.87 17.45
N GLY A 111 -10.56 6.13 17.43
CA GLY A 111 -9.38 6.57 18.16
C GLY A 111 -8.22 5.59 18.16
N SER A 112 -8.01 4.88 17.06
CA SER A 112 -6.92 3.91 16.95
C SER A 112 -5.63 4.68 16.95
N SER A 113 -4.65 4.19 17.70
CA SER A 113 -3.37 4.87 17.74
C SER A 113 -2.32 4.17 16.89
N ASP A 114 -2.79 3.22 16.08
CA ASP A 114 -1.92 2.51 15.15
C ASP A 114 -2.29 3.06 13.77
N LEU A 115 -1.53 4.06 13.34
CA LEU A 115 -1.76 4.75 12.08
C LEU A 115 -0.82 4.23 10.99
N TYR A 116 -1.16 4.58 9.75
CA TYR A 116 -0.39 4.18 8.58
C TYR A 116 -0.28 5.38 7.65
N LEU A 117 0.93 5.84 7.39
CA LEU A 117 1.17 6.98 6.52
C LEU A 117 1.34 6.51 5.06
N VAL A 118 0.49 7.02 4.17
CA VAL A 118 0.57 6.66 2.75
C VAL A 118 1.42 7.72 2.05
N THR A 119 2.62 7.34 1.63
CA THR A 119 3.53 8.26 0.97
C THR A 119 3.21 8.46 -0.51
N ARG A 120 3.88 9.48 -1.07
CA ARG A 120 3.79 9.89 -2.46
C ARG A 120 4.13 8.77 -3.44
N HIS A 121 4.86 7.78 -2.95
CA HIS A 121 5.26 6.67 -3.79
C HIS A 121 4.30 5.50 -3.64
N ALA A 122 3.18 5.77 -2.98
CA ALA A 122 2.16 4.77 -2.74
C ALA A 122 2.63 3.65 -1.81
N ASP A 123 3.44 4.01 -0.82
CA ASP A 123 3.92 3.05 0.18
C ASP A 123 3.18 3.43 1.44
N VAL A 124 2.70 2.46 2.20
CA VAL A 124 2.00 2.77 3.44
C VAL A 124 2.91 2.32 4.57
N ILE A 125 3.42 3.28 5.33
CA ILE A 125 4.34 2.97 6.42
C ILE A 125 3.68 3.22 7.78
N PRO A 126 3.84 2.27 8.72
CA PRO A 126 3.25 2.40 10.06
C PRO A 126 3.88 3.46 10.96
N VAL A 127 3.03 4.20 11.68
CA VAL A 127 3.50 5.21 12.61
C VAL A 127 2.64 5.04 13.86
N ARG A 128 3.26 5.04 15.04
CA ARG A 128 2.51 4.90 16.29
C ARG A 128 2.15 6.27 16.84
N ARG A 129 0.86 6.52 16.98
CA ARG A 129 0.34 7.78 17.48
C ARG A 129 0.88 8.03 18.88
N ARG A 130 1.62 9.12 19.06
CA ARG A 130 2.21 9.45 20.35
C ARG A 130 1.97 10.90 20.67
N GLY A 131 0.70 11.30 20.66
CA GLY A 131 0.35 12.67 20.93
C GLY A 131 -0.81 13.06 20.04
N ASP A 132 -1.19 14.32 20.09
CA ASP A 132 -2.30 14.79 19.27
C ASP A 132 -1.87 14.99 17.82
N SER A 133 -0.61 15.34 17.62
CA SER A 133 -0.09 15.59 16.28
C SER A 133 1.22 14.89 15.96
N ARG A 134 1.54 13.82 16.69
CA ARG A 134 2.78 13.09 16.43
C ARG A 134 2.62 11.60 16.38
N GLY A 135 3.58 10.96 15.74
CA GLY A 135 3.59 9.51 15.60
C GLY A 135 5.01 9.11 15.34
N SER A 136 5.40 7.93 15.81
CA SER A 136 6.76 7.44 15.61
C SER A 136 6.82 6.43 14.47
N LEU A 137 7.78 6.60 13.58
CA LEU A 137 7.96 5.69 12.46
C LEU A 137 8.56 4.40 12.99
N LEU A 138 7.75 3.34 13.04
CA LEU A 138 8.21 2.04 13.53
C LEU A 138 9.46 1.59 12.78
N SER A 139 9.64 2.11 11.58
CA SER A 139 10.79 1.79 10.76
C SER A 139 11.24 3.11 10.14
N PRO A 140 12.09 3.86 10.88
CA PRO A 140 12.63 5.15 10.44
C PRO A 140 13.15 5.08 9.02
N ARG A 141 12.86 6.12 8.26
CA ARG A 141 13.30 6.19 6.88
C ARG A 141 13.95 7.53 6.65
N PRO A 142 14.85 7.60 5.67
CA PRO A 142 15.50 8.89 5.41
C PRO A 142 14.51 9.96 4.94
N ILE A 143 14.84 11.21 5.25
CA ILE A 143 14.03 12.37 4.91
C ILE A 143 13.62 12.44 3.44
N SER A 144 14.58 12.20 2.55
CA SER A 144 14.33 12.25 1.10
C SER A 144 13.18 11.36 0.67
N TYR A 145 13.02 10.23 1.35
CA TYR A 145 11.94 9.31 1.05
C TYR A 145 10.59 9.94 1.38
N LEU A 146 10.55 10.64 2.50
CA LEU A 146 9.33 11.29 2.94
C LEU A 146 9.07 12.59 2.16
N LYS A 147 10.05 13.05 1.40
CA LYS A 147 9.86 14.27 0.63
C LYS A 147 8.80 14.08 -0.44
N GLY A 148 7.92 15.06 -0.55
CA GLY A 148 6.84 14.99 -1.52
C GLY A 148 5.57 14.43 -0.96
N SER A 149 5.60 13.93 0.27
CA SER A 149 4.41 13.34 0.90
C SER A 149 3.56 14.27 1.78
N SER A 150 3.88 15.56 1.80
CA SER A 150 3.13 16.52 2.62
C SER A 150 1.70 16.65 2.11
N GLY A 151 0.75 16.48 3.02
CA GLY A 151 -0.65 16.54 2.63
C GLY A 151 -1.20 15.13 2.44
N GLY A 152 -0.35 14.13 2.64
CA GLY A 152 -0.77 12.74 2.52
C GLY A 152 -1.57 12.29 3.72
N PRO A 153 -2.33 11.22 3.61
CA PRO A 153 -3.11 10.79 4.76
C PRO A 153 -2.43 9.85 5.73
N LEU A 154 -2.89 9.91 6.97
CA LEU A 154 -2.47 9.02 8.05
C LEU A 154 -3.78 8.27 8.30
N LEU A 155 -3.80 6.98 8.02
CA LEU A 155 -4.99 6.15 8.16
C LEU A 155 -5.01 5.20 9.37
N CYS A 156 -6.18 5.01 9.96
CA CYS A 156 -6.29 4.05 11.05
C CYS A 156 -6.43 2.72 10.30
N PRO A 157 -6.27 1.58 10.98
CA PRO A 157 -6.37 0.25 10.33
C PRO A 157 -7.59 -0.01 9.46
N ALA A 158 -8.66 0.74 9.69
CA ALA A 158 -9.90 0.55 8.94
C ALA A 158 -9.86 1.31 7.60
N GLY A 159 -8.87 2.20 7.46
CA GLY A 159 -8.71 2.98 6.26
C GLY A 159 -9.37 4.34 6.31
N HIS A 160 -9.31 4.98 7.47
CA HIS A 160 -9.94 6.28 7.62
C HIS A 160 -8.96 7.35 7.95
N ALA A 161 -9.23 8.56 7.48
CA ALA A 161 -8.33 9.67 7.70
C ALA A 161 -8.25 10.06 9.16
N VAL A 162 -7.03 10.06 9.69
CA VAL A 162 -6.79 10.45 11.07
C VAL A 162 -6.07 11.79 11.00
N GLY A 163 -5.27 11.97 9.95
CA GLY A 163 -4.55 13.21 9.78
C GLY A 163 -3.88 13.33 8.43
N LEU A 164 -3.17 14.43 8.23
CA LEU A 164 -2.45 14.74 7.00
C LEU A 164 -0.99 15.04 7.34
N PHE A 165 -0.05 14.28 6.77
CA PHE A 165 1.39 14.46 7.03
C PHE A 165 1.79 15.90 6.79
N ARG A 166 2.41 16.53 7.79
CA ARG A 166 2.81 17.92 7.68
C ARG A 166 4.33 18.10 7.65
N ALA A 167 5.01 17.57 8.66
CA ALA A 167 6.46 17.71 8.74
C ALA A 167 7.08 16.47 9.34
N ALA A 168 8.38 16.29 9.10
CA ALA A 168 9.09 15.16 9.65
C ALA A 168 9.97 15.58 10.82
N VAL A 169 10.06 14.70 11.80
CA VAL A 169 10.90 14.90 12.99
C VAL A 169 12.12 14.05 12.70
N CYS A 170 13.23 14.69 12.37
CA CYS A 170 14.41 13.94 12.02
C CYS A 170 15.68 14.52 12.59
N THR A 171 16.77 13.79 12.35
CA THR A 171 18.13 14.15 12.76
C THR A 171 19.05 13.35 11.85
N ARG A 172 20.22 13.90 11.55
CA ARG A 172 21.19 13.23 10.69
C ARG A 172 20.57 12.80 9.36
N GLY A 173 19.45 13.41 9.02
CA GLY A 173 18.78 13.08 7.79
C GLY A 173 17.86 11.87 7.81
N VAL A 174 17.55 11.36 8.99
CA VAL A 174 16.66 10.22 9.09
C VAL A 174 15.41 10.60 9.88
N ALA A 175 14.24 10.36 9.31
CA ALA A 175 12.98 10.67 9.93
C ALA A 175 12.65 9.58 10.93
N LYS A 176 12.45 9.98 12.17
CA LYS A 176 12.12 9.04 13.23
C LYS A 176 10.66 9.23 13.60
N ALA A 177 10.14 10.43 13.41
CA ALA A 177 8.76 10.73 13.73
C ALA A 177 8.13 11.64 12.70
N VAL A 178 6.83 11.86 12.81
CA VAL A 178 6.11 12.73 11.90
C VAL A 178 5.15 13.62 12.65
N ASP A 179 4.99 14.83 12.14
CA ASP A 179 4.08 15.81 12.71
C ASP A 179 2.94 15.88 11.71
N PHE A 180 1.71 15.78 12.19
CA PHE A 180 0.58 15.83 11.29
C PHE A 180 -0.56 16.73 11.76
N ILE A 181 -1.41 17.09 10.81
CA ILE A 181 -2.57 17.92 11.08
C ILE A 181 -3.68 16.89 11.33
N PRO A 182 -4.15 16.79 12.57
CA PRO A 182 -5.22 15.85 12.95
C PRO A 182 -6.49 16.14 12.16
N VAL A 183 -7.29 15.13 11.87
CA VAL A 183 -8.49 15.34 11.09
C VAL A 183 -9.47 16.34 11.73
N GLU A 184 -9.25 16.62 13.00
CA GLU A 184 -10.10 17.56 13.76
C GLU A 184 -9.92 19.01 13.33
N ASN A 185 -8.69 19.39 13.01
CA ASN A 185 -8.41 20.75 12.57
C ASN A 185 -9.14 21.04 11.26
N LEU A 186 -9.46 20.00 10.50
CA LEU A 186 -10.19 20.14 9.25
C LEU A 186 -11.58 20.62 9.62
N GLU A 187 -12.27 19.86 10.46
CA GLU A 187 -13.62 20.21 10.90
C GLU A 187 -13.59 21.65 11.43
N THR A 188 -12.66 21.90 12.34
CA THR A 188 -12.50 23.22 12.92
C THR A 188 -12.31 24.29 11.83
N THR A 189 -11.41 24.05 10.89
CA THR A 189 -11.14 24.99 9.80
C THR A 189 -12.37 25.27 8.93
N MET A 190 -13.22 24.26 8.75
CA MET A 190 -14.43 24.41 7.93
C MET A 190 -15.41 25.27 8.69
N ARG A 191 -15.43 25.06 10.00
CA ARG A 191 -16.31 25.79 10.91
C ARG A 191 -15.81 27.22 11.10
N SER A 192 -14.68 27.54 10.47
CA SER A 192 -14.08 28.86 10.59
C SER A 192 -14.00 29.59 9.24
N LYS B 2 0.72 33.91 -9.17
CA LYS B 2 1.07 32.47 -8.96
C LYS B 2 0.10 31.63 -9.75
N GLY B 3 0.61 30.54 -10.33
CA GLY B 3 -0.23 29.66 -11.11
C GLY B 3 -1.07 28.80 -10.19
N SER B 4 -1.93 27.99 -10.79
CA SER B 4 -2.77 27.09 -10.02
C SER B 4 -1.93 25.90 -9.61
N VAL B 5 -2.44 25.15 -8.64
CA VAL B 5 -1.80 23.93 -8.20
C VAL B 5 -2.28 22.98 -9.27
N VAL B 6 -1.39 22.16 -9.83
CA VAL B 6 -1.77 21.23 -10.88
C VAL B 6 -1.66 19.78 -10.43
N ILE B 7 -2.68 19.00 -10.77
CA ILE B 7 -2.65 17.59 -10.43
C ILE B 7 -1.76 16.87 -11.45
N VAL B 8 -0.62 16.34 -11.00
CA VAL B 8 0.28 15.62 -11.90
C VAL B 8 0.22 14.09 -11.75
N GLY B 9 -0.64 13.60 -10.85
CA GLY B 9 -0.76 12.17 -10.61
C GLY B 9 -1.80 11.88 -9.54
N ARG B 10 -1.98 10.60 -9.22
CA ARG B 10 -2.97 10.16 -8.23
C ARG B 10 -2.44 8.96 -7.48
N ILE B 11 -2.99 8.71 -6.30
CA ILE B 11 -2.62 7.55 -5.52
C ILE B 11 -3.97 6.92 -5.18
N VAL B 12 -4.15 5.67 -5.58
CA VAL B 12 -5.41 4.97 -5.35
C VAL B 12 -5.35 3.91 -4.25
N LEU B 13 -6.12 4.17 -3.19
CA LEU B 13 -6.22 3.28 -2.04
C LEU B 13 -7.33 2.23 -2.21
N SER B 14 -8.41 2.59 -2.90
CA SER B 14 -9.54 1.69 -3.12
C SER B 14 -9.30 0.41 -3.93
N GLY B 15 -8.11 0.24 -4.50
CA GLY B 15 -7.83 -0.96 -5.28
C GLY B 15 -7.69 -2.18 -4.40
N LYS B 16 -8.01 -3.36 -4.95
CA LYS B 16 -7.92 -4.62 -4.22
C LYS B 16 -7.10 -5.62 -5.00
N PRO B 17 -6.49 -6.60 -4.32
CA PRO B 17 -5.68 -7.62 -5.00
C PRO B 17 -6.39 -8.07 -6.26
N ALA B 18 -5.63 -8.22 -7.33
CA ALA B 18 -6.21 -8.60 -8.61
C ALA B 18 -5.21 -9.37 -9.44
N ILE B 19 -5.72 -10.32 -10.23
CA ILE B 19 -4.87 -11.12 -11.09
C ILE B 19 -4.62 -10.23 -12.29
N ILE B 20 -3.36 -9.99 -12.61
CA ILE B 20 -3.02 -9.13 -13.74
C ILE B 20 -3.45 -9.79 -15.06
N PRO B 21 -4.42 -9.19 -15.76
CA PRO B 21 -4.96 -9.66 -17.04
C PRO B 21 -3.88 -9.90 -18.08
N LYS B 22 -4.07 -10.92 -18.89
CA LYS B 22 -3.11 -11.24 -19.92
C LYS B 22 -3.49 -10.54 -21.21
N LYS B 23 -2.50 -9.95 -21.87
CA LYS B 23 -2.71 -9.21 -23.10
C LYS B 23 -1.85 -9.76 -24.23
N VAL C 40 2.10 -3.55 -15.42
CA VAL C 40 1.93 -3.57 -13.94
C VAL C 40 2.85 -4.68 -13.46
N GLU C 41 3.20 -4.67 -12.17
CA GLU C 41 4.04 -5.70 -11.59
C GLU C 41 3.33 -6.37 -10.43
N GLY C 42 3.41 -7.70 -10.40
CA GLY C 42 2.78 -8.47 -9.35
C GLY C 42 3.75 -8.87 -8.24
N GLU C 43 3.26 -8.90 -7.00
CA GLU C 43 4.06 -9.31 -5.83
C GLU C 43 3.94 -10.82 -5.63
N VAL C 44 2.75 -11.34 -5.91
CA VAL C 44 2.47 -12.74 -5.76
C VAL C 44 2.36 -13.36 -7.14
N GLN C 45 3.10 -14.43 -7.37
CA GLN C 45 3.05 -15.14 -8.64
C GLN C 45 2.28 -16.42 -8.43
N ILE C 46 1.50 -16.81 -9.43
CA ILE C 46 0.74 -18.05 -9.36
C ILE C 46 1.54 -19.06 -10.18
N VAL C 47 2.14 -20.03 -9.50
CA VAL C 47 2.96 -21.04 -10.15
C VAL C 47 2.34 -22.42 -10.13
N SER C 48 2.89 -23.32 -10.94
CA SER C 48 2.41 -24.69 -11.01
C SER C 48 3.49 -25.65 -11.46
N THR C 49 3.42 -26.88 -10.96
CA THR C 49 4.37 -27.92 -11.33
C THR C 49 3.58 -28.91 -12.16
N ALA C 50 4.15 -30.09 -12.37
CA ALA C 50 3.50 -31.13 -13.16
C ALA C 50 2.19 -31.62 -12.55
N THR C 51 2.12 -31.58 -11.22
CA THR C 51 0.94 -32.05 -10.52
C THR C 51 0.06 -30.94 -9.94
N GLN C 52 0.51 -30.31 -8.87
CA GLN C 52 -0.24 -29.26 -8.20
C GLN C 52 0.10 -27.84 -8.64
N THR C 53 -0.71 -26.91 -8.16
CA THR C 53 -0.54 -25.50 -8.45
C THR C 53 -0.60 -24.81 -7.11
N PHE C 54 0.19 -23.77 -6.97
CA PHE C 54 0.24 -23.04 -5.72
C PHE C 54 0.71 -21.60 -5.99
N LEU C 55 1.06 -20.90 -4.92
CA LEU C 55 1.50 -19.52 -5.03
C LEU C 55 2.94 -19.29 -4.59
N ALA C 56 3.45 -18.10 -4.94
CA ALA C 56 4.79 -17.66 -4.57
C ALA C 56 4.63 -16.17 -4.25
N THR C 57 5.52 -15.65 -3.42
CA THR C 57 5.50 -14.26 -2.99
C THR C 57 6.91 -13.70 -3.01
N CYS C 58 7.07 -12.52 -3.60
CA CYS C 58 8.38 -11.90 -3.64
C CYS C 58 8.56 -11.01 -2.42
N ILE C 59 9.55 -11.32 -1.59
CA ILE C 59 9.83 -10.51 -0.40
C ILE C 59 11.33 -10.30 -0.39
N ASN C 60 11.75 -9.04 -0.26
CA ASN C 60 13.17 -8.69 -0.22
C ASN C 60 13.96 -9.07 -1.48
N GLY C 61 13.32 -9.08 -2.63
CA GLY C 61 14.02 -9.43 -3.84
C GLY C 61 14.11 -10.90 -4.15
N VAL C 62 13.52 -11.72 -3.27
CA VAL C 62 13.51 -13.16 -3.45
C VAL C 62 12.06 -13.62 -3.65
N CYS C 63 11.85 -14.57 -4.54
CA CYS C 63 10.52 -15.11 -4.80
C CYS C 63 10.38 -16.40 -3.98
N TRP C 64 9.72 -16.29 -2.83
CA TRP C 64 9.52 -17.42 -1.92
C TRP C 64 8.28 -18.24 -2.20
N THR C 65 8.29 -19.48 -1.73
CA THR C 65 7.16 -20.39 -1.89
C THR C 65 7.35 -21.57 -0.94
N VAL C 66 6.45 -22.54 -1.01
CA VAL C 66 6.54 -23.70 -0.14
C VAL C 66 7.29 -24.88 -0.76
N TYR C 67 8.23 -25.41 0.02
CA TYR C 67 9.06 -26.54 -0.39
C TYR C 67 8.19 -27.75 -0.76
N HIS C 68 7.02 -27.85 -0.15
CA HIS C 68 6.15 -28.97 -0.46
C HIS C 68 5.43 -28.79 -1.79
N GLY C 69 5.70 -27.67 -2.44
CA GLY C 69 5.08 -27.40 -3.73
C GLY C 69 6.14 -27.45 -4.80
N ALA C 70 7.25 -26.75 -4.54
CA ALA C 70 8.37 -26.68 -5.48
C ALA C 70 9.41 -27.76 -5.24
N GLY C 71 9.76 -27.94 -3.97
CA GLY C 71 10.77 -28.91 -3.60
C GLY C 71 12.09 -28.22 -3.81
N THR C 72 12.95 -28.86 -4.59
CA THR C 72 14.26 -28.30 -4.90
C THR C 72 14.25 -27.95 -6.38
N ARG C 73 13.04 -27.94 -6.95
CA ARG C 73 12.84 -27.67 -8.36
C ARG C 73 13.33 -26.28 -8.75
N THR C 74 13.65 -26.16 -10.02
CA THR C 74 14.17 -24.93 -10.59
C THR C 74 12.98 -24.12 -11.13
N ILE C 75 13.15 -22.81 -11.31
CA ILE C 75 12.07 -21.97 -11.83
C ILE C 75 12.34 -21.58 -13.28
N ALA C 76 11.32 -21.57 -14.12
CA ALA C 76 11.49 -21.23 -15.53
C ALA C 76 11.80 -19.75 -15.77
N SER C 77 12.38 -19.46 -16.93
CA SER C 77 12.70 -18.08 -17.33
C SER C 77 12.95 -18.10 -18.84
N PRO C 78 12.84 -16.93 -19.52
CA PRO C 78 13.07 -16.92 -20.97
C PRO C 78 14.52 -17.21 -21.37
N LYS C 79 15.37 -17.37 -20.36
CA LYS C 79 16.78 -17.67 -20.56
C LYS C 79 17.11 -19.06 -19.99
N GLY C 80 16.09 -19.76 -19.54
CA GLY C 80 16.29 -21.08 -18.98
C GLY C 80 15.96 -21.16 -17.51
N PRO C 81 15.95 -22.38 -16.95
CA PRO C 81 15.64 -22.57 -15.54
C PRO C 81 16.71 -21.95 -14.66
N VAL C 82 16.27 -21.34 -13.57
CA VAL C 82 17.18 -20.71 -12.64
C VAL C 82 16.98 -21.40 -11.28
N ILE C 83 18.10 -21.71 -10.62
CA ILE C 83 18.05 -22.43 -9.35
C ILE C 83 17.66 -21.62 -8.13
N GLN C 84 17.22 -22.36 -7.12
CA GLN C 84 16.80 -21.77 -5.87
C GLN C 84 18.01 -21.18 -5.17
N MET C 85 17.85 -19.98 -4.65
CA MET C 85 18.91 -19.32 -3.91
C MET C 85 18.86 -19.90 -2.51
N TYR C 86 17.68 -20.34 -2.11
CA TYR C 86 17.45 -20.91 -0.80
C TYR C 86 16.57 -22.14 -0.90
N THR C 87 16.78 -23.07 0.02
CA THR C 87 16.00 -24.30 0.10
C THR C 87 16.10 -24.65 1.57
N ASN C 88 14.95 -24.87 2.20
CA ASN C 88 14.91 -25.17 3.62
C ASN C 88 13.77 -26.12 3.83
N VAL C 89 14.05 -27.40 3.66
CA VAL C 89 13.05 -28.44 3.82
C VAL C 89 12.42 -28.38 5.21
N ASP C 90 13.24 -28.03 6.20
CA ASP C 90 12.83 -27.95 7.60
C ASP C 90 11.68 -26.96 7.84
N GLN C 91 11.84 -25.72 7.39
CA GLN C 91 10.81 -24.71 7.57
C GLN C 91 9.79 -24.67 6.41
N ASP C 92 9.88 -25.66 5.52
CA ASP C 92 9.00 -25.78 4.34
C ASP C 92 9.14 -24.53 3.45
N LEU C 93 10.38 -24.02 3.38
CA LEU C 93 10.69 -22.79 2.66
C LEU C 93 11.76 -22.87 1.59
N VAL C 94 11.50 -22.28 0.42
CA VAL C 94 12.47 -22.22 -0.68
C VAL C 94 12.30 -20.91 -1.43
N GLY C 95 13.39 -20.37 -1.96
CA GLY C 95 13.33 -19.12 -2.69
C GLY C 95 14.30 -19.02 -3.85
N TRP C 96 13.82 -18.51 -4.98
CA TRP C 96 14.65 -18.31 -6.18
C TRP C 96 14.81 -16.79 -6.33
N PRO C 97 15.63 -16.32 -7.29
CA PRO C 97 15.75 -14.87 -7.43
C PRO C 97 14.43 -14.39 -8.07
N ALA C 98 13.83 -13.35 -7.51
CA ALA C 98 12.55 -12.83 -7.99
C ALA C 98 12.55 -12.69 -9.50
N PRO C 99 11.49 -13.19 -10.16
CA PRO C 99 11.31 -13.17 -11.62
C PRO C 99 10.91 -11.82 -12.19
N GLN C 100 10.70 -11.81 -13.50
CA GLN C 100 10.28 -10.60 -14.20
C GLN C 100 8.81 -10.32 -13.91
N GLY C 101 8.41 -9.07 -14.10
CA GLY C 101 7.02 -8.69 -13.87
C GLY C 101 6.64 -8.74 -12.41
N SER C 102 7.63 -8.86 -11.54
CA SER C 102 7.36 -8.94 -10.12
C SER C 102 7.91 -7.71 -9.42
N ARG C 103 7.38 -7.46 -8.21
CA ARG C 103 7.80 -6.35 -7.36
C ARG C 103 7.72 -6.92 -5.97
N SER C 104 8.75 -6.66 -5.16
CA SER C 104 8.80 -7.18 -3.80
C SER C 104 7.83 -6.58 -2.82
N LEU C 105 7.54 -7.37 -1.80
CA LEU C 105 6.63 -7.00 -0.74
C LEU C 105 7.51 -6.67 0.45
N THR C 106 7.03 -5.75 1.27
CA THR C 106 7.76 -5.31 2.45
C THR C 106 7.38 -6.06 3.70
N PRO C 107 8.36 -6.49 4.50
CA PRO C 107 8.08 -7.23 5.72
C PRO C 107 7.30 -6.36 6.71
N CYS C 108 6.49 -6.98 7.56
CA CYS C 108 5.72 -6.23 8.54
C CYS C 108 6.63 -5.70 9.61
N THR C 109 6.40 -4.45 9.99
CA THR C 109 7.18 -3.76 11.00
C THR C 109 6.31 -3.30 12.19
N CYS C 110 4.99 -3.39 12.03
CA CYS C 110 4.03 -2.96 13.05
C CYS C 110 3.65 -4.04 14.06
N GLY C 111 4.01 -5.29 13.78
CA GLY C 111 3.65 -6.37 14.69
C GLY C 111 2.16 -6.50 14.95
N SER C 112 1.36 -6.36 13.91
CA SER C 112 -0.08 -6.49 14.08
C SER C 112 -0.49 -7.96 14.02
N SER C 113 -1.59 -8.27 14.69
CA SER C 113 -2.14 -9.62 14.74
C SER C 113 -3.39 -9.71 13.87
N ASP C 114 -3.78 -8.58 13.29
CA ASP C 114 -4.94 -8.56 12.41
C ASP C 114 -4.39 -8.78 10.99
N LEU C 115 -4.21 -10.05 10.65
CA LEU C 115 -3.66 -10.49 9.38
C LEU C 115 -4.68 -10.71 8.28
N TYR C 116 -4.23 -10.75 7.03
CA TYR C 116 -5.09 -10.95 5.88
C TYR C 116 -4.41 -11.88 4.88
N LEU C 117 -5.06 -12.98 4.57
CA LEU C 117 -4.50 -13.96 3.64
C LEU C 117 -4.98 -13.63 2.23
N VAL C 118 -4.11 -13.80 1.23
CA VAL C 118 -4.48 -13.53 -0.16
C VAL C 118 -4.43 -14.87 -0.90
N THR C 119 -5.54 -15.27 -1.51
CA THR C 119 -5.58 -16.55 -2.21
C THR C 119 -5.20 -16.42 -3.68
N ARG C 120 -5.07 -17.56 -4.36
CA ARG C 120 -4.71 -17.60 -5.77
C ARG C 120 -5.82 -17.02 -6.68
N HIS C 121 -6.93 -16.60 -6.09
CA HIS C 121 -8.02 -16.01 -6.86
C HIS C 121 -8.14 -14.54 -6.46
N ALA C 122 -7.17 -14.09 -5.68
CA ALA C 122 -7.09 -12.73 -5.19
C ALA C 122 -8.08 -12.40 -4.09
N ASP C 123 -8.67 -13.42 -3.48
CA ASP C 123 -9.60 -13.21 -2.39
C ASP C 123 -8.76 -12.87 -1.16
N VAL C 124 -9.27 -11.98 -0.32
CA VAL C 124 -8.57 -11.59 0.92
C VAL C 124 -9.35 -12.21 2.08
N ILE C 125 -8.66 -12.93 2.95
CA ILE C 125 -9.29 -13.61 4.08
C ILE C 125 -8.72 -13.11 5.40
N PRO C 126 -9.52 -12.39 6.19
CA PRO C 126 -9.03 -11.89 7.48
C PRO C 126 -8.69 -13.06 8.37
N VAL C 127 -7.52 -12.98 8.99
CA VAL C 127 -7.03 -14.01 9.89
C VAL C 127 -6.49 -13.35 11.14
N ARG C 128 -6.92 -13.83 12.29
CA ARG C 128 -6.45 -13.28 13.55
C ARG C 128 -5.23 -14.12 13.91
N ARG C 129 -4.11 -13.46 14.18
CA ARG C 129 -2.90 -14.16 14.52
C ARG C 129 -2.97 -14.74 15.92
N ARG C 130 -2.99 -16.08 15.98
CA ARG C 130 -3.05 -16.82 17.23
C ARG C 130 -1.65 -17.16 17.71
N GLY C 131 -0.69 -17.13 16.78
CA GLY C 131 0.68 -17.46 17.13
C GLY C 131 1.65 -17.21 15.99
N ASP C 132 2.93 -17.31 16.32
CA ASP C 132 4.01 -17.08 15.38
C ASP C 132 3.88 -17.83 14.06
N SER C 133 3.07 -18.88 14.05
CA SER C 133 2.90 -19.66 12.84
C SER C 133 1.46 -20.09 12.68
N ARG C 134 0.58 -19.52 13.48
CA ARG C 134 -0.81 -19.90 13.43
C ARG C 134 -1.73 -18.70 13.46
N GLY C 135 -2.84 -18.82 12.75
CA GLY C 135 -3.81 -17.75 12.71
C GLY C 135 -5.18 -18.35 12.50
N SER C 136 -6.20 -17.72 13.08
CA SER C 136 -7.58 -18.20 12.97
C SER C 136 -8.38 -17.37 11.96
N LEU C 137 -8.97 -18.01 10.94
CA LEU C 137 -9.77 -17.27 9.96
C LEU C 137 -10.93 -16.65 10.74
N LEU C 138 -11.29 -15.41 10.44
CA LEU C 138 -12.41 -14.79 11.14
C LEU C 138 -13.71 -15.42 10.71
N SER C 139 -13.68 -16.08 9.56
CA SER C 139 -14.84 -16.75 8.99
C SER C 139 -14.28 -18.01 8.34
N PRO C 140 -14.43 -19.17 9.00
CA PRO C 140 -13.94 -20.44 8.46
C PRO C 140 -14.54 -20.66 7.09
N ARG C 141 -13.77 -21.24 6.17
CA ARG C 141 -14.25 -21.45 4.81
C ARG C 141 -13.89 -22.86 4.36
N PRO C 142 -14.65 -23.42 3.41
CA PRO C 142 -14.36 -24.77 2.92
C PRO C 142 -12.93 -24.83 2.36
N ILE C 143 -12.24 -25.94 2.61
CA ILE C 143 -10.86 -26.09 2.16
C ILE C 143 -10.60 -25.70 0.71
N SER C 144 -11.54 -25.99 -0.19
CA SER C 144 -11.40 -25.66 -1.59
C SER C 144 -11.09 -24.18 -1.82
N TYR C 145 -11.67 -23.34 -0.97
CA TYR C 145 -11.48 -21.90 -1.05
C TYR C 145 -10.03 -21.47 -0.77
N LEU C 146 -9.32 -22.21 0.08
CA LEU C 146 -7.93 -21.89 0.38
C LEU C 146 -6.97 -22.76 -0.43
N LYS C 147 -7.55 -23.72 -1.14
CA LYS C 147 -6.78 -24.67 -1.96
C LYS C 147 -5.96 -23.94 -3.03
N GLY C 148 -4.73 -24.44 -3.26
CA GLY C 148 -3.85 -23.85 -4.26
C GLY C 148 -3.22 -22.52 -3.89
N SER C 149 -3.54 -22.01 -2.70
CA SER C 149 -3.01 -20.71 -2.27
C SER C 149 -1.79 -20.76 -1.38
N SER C 150 -1.20 -21.93 -1.18
CA SER C 150 -0.03 -22.06 -0.32
C SER C 150 1.14 -21.31 -0.96
N GLY C 151 1.93 -20.61 -0.14
CA GLY C 151 3.04 -19.83 -0.65
C GLY C 151 2.59 -18.39 -0.74
N GLY C 152 1.26 -18.19 -0.71
CA GLY C 152 0.67 -16.87 -0.77
C GLY C 152 1.11 -16.02 0.41
N PRO C 153 0.82 -14.71 0.40
CA PRO C 153 1.22 -13.81 1.49
C PRO C 153 0.20 -13.64 2.61
N LEU C 154 0.71 -13.38 3.81
CA LEU C 154 -0.14 -13.14 4.96
C LEU C 154 0.24 -11.72 5.32
N LEU C 155 -0.64 -10.80 4.97
CA LEU C 155 -0.46 -9.35 5.16
C LEU C 155 -1.00 -8.79 6.47
N CYS C 156 -0.41 -7.68 6.93
CA CYS C 156 -0.88 -7.00 8.13
C CYS C 156 -1.75 -5.85 7.61
N PRO C 157 -2.40 -5.07 8.50
CA PRO C 157 -3.24 -3.95 8.01
C PRO C 157 -2.58 -2.88 7.13
N ALA C 158 -1.29 -3.01 6.86
CA ALA C 158 -0.58 -2.04 6.02
C ALA C 158 -0.14 -2.66 4.70
N GLY C 159 -0.59 -3.89 4.46
CA GLY C 159 -0.23 -4.59 3.23
C GLY C 159 1.17 -5.16 3.23
N HIS C 160 1.86 -5.08 4.37
CA HIS C 160 3.22 -5.62 4.50
C HIS C 160 3.17 -7.13 4.82
N ALA C 161 4.18 -7.87 4.37
CA ALA C 161 4.25 -9.30 4.57
C ALA C 161 4.57 -9.66 6.01
N VAL C 162 3.73 -10.52 6.58
CA VAL C 162 3.89 -11.03 7.95
C VAL C 162 4.40 -12.47 7.89
N GLY C 163 3.97 -13.21 6.88
CA GLY C 163 4.41 -14.57 6.72
C GLY C 163 3.86 -15.17 5.44
N LEU C 164 4.30 -16.39 5.12
CA LEU C 164 3.84 -17.08 3.92
C LEU C 164 2.89 -18.19 4.33
N PHE C 165 1.76 -18.27 3.65
CA PHE C 165 0.78 -19.31 3.93
C PHE C 165 1.47 -20.65 3.75
N ARG C 166 1.62 -21.40 4.84
CA ARG C 166 2.26 -22.71 4.79
C ARG C 166 1.27 -23.85 4.53
N ALA C 167 0.17 -23.89 5.28
CA ALA C 167 -0.85 -24.93 5.11
C ALA C 167 -2.13 -24.60 5.86
N ALA C 168 -3.25 -25.16 5.39
CA ALA C 168 -4.55 -24.93 6.04
C ALA C 168 -4.81 -25.97 7.13
N VAL C 169 -5.36 -25.51 8.25
CA VAL C 169 -5.70 -26.38 9.38
C VAL C 169 -7.22 -26.52 9.34
N CYS C 170 -7.69 -27.57 8.69
CA CYS C 170 -9.12 -27.81 8.53
C CYS C 170 -9.75 -28.98 9.29
N THR C 171 -10.91 -28.71 9.85
CA THR C 171 -11.67 -29.67 10.62
C THR C 171 -12.90 -30.07 9.80
N ARG C 172 -12.92 -31.30 9.31
CA ARG C 172 -14.05 -31.81 8.54
C ARG C 172 -14.31 -31.01 7.24
N GLY C 173 -13.24 -30.73 6.51
CA GLY C 173 -13.36 -29.99 5.27
C GLY C 173 -13.57 -28.49 5.40
N VAL C 174 -13.35 -27.98 6.60
CA VAL C 174 -13.51 -26.57 6.84
C VAL C 174 -12.24 -25.97 7.42
N ALA C 175 -11.63 -25.08 6.66
CA ALA C 175 -10.42 -24.40 7.08
C ALA C 175 -10.84 -23.36 8.11
N LYS C 176 -10.46 -23.60 9.35
CA LYS C 176 -10.76 -22.70 10.46
C LYS C 176 -9.58 -21.80 10.75
N ALA C 177 -8.38 -22.35 10.60
CA ALA C 177 -7.16 -21.62 10.87
C ALA C 177 -6.08 -22.00 9.84
N VAL C 178 -4.96 -21.30 9.86
CA VAL C 178 -3.89 -21.58 8.92
C VAL C 178 -2.51 -21.54 9.56
N ASP C 179 -1.60 -22.24 8.90
CA ASP C 179 -0.21 -22.37 9.29
C ASP C 179 0.58 -21.47 8.35
N PHE C 180 1.60 -20.77 8.86
CA PHE C 180 2.40 -19.89 8.02
C PHE C 180 3.85 -19.71 8.47
N ILE C 181 4.73 -19.42 7.51
CA ILE C 181 6.15 -19.21 7.77
C ILE C 181 6.36 -17.70 8.00
N PRO C 182 6.70 -17.27 9.21
CA PRO C 182 6.89 -15.83 9.41
C PRO C 182 8.04 -15.23 8.58
N VAL C 183 7.93 -13.95 8.22
CA VAL C 183 8.97 -13.29 7.42
C VAL C 183 10.33 -13.33 8.07
N GLU C 184 10.35 -13.45 9.39
CA GLU C 184 11.59 -13.49 10.11
C GLU C 184 12.44 -14.67 9.65
N ASN C 185 11.81 -15.82 9.46
CA ASN C 185 12.54 -17.01 9.00
C ASN C 185 13.18 -16.70 7.67
N LEU C 186 12.44 -16.00 6.82
CA LEU C 186 12.89 -15.62 5.50
C LEU C 186 14.03 -14.59 5.61
N GLU C 187 13.84 -13.58 6.47
CA GLU C 187 14.83 -12.52 6.71
C GLU C 187 16.15 -13.12 7.19
N THR C 188 16.03 -14.21 7.94
CA THR C 188 17.17 -14.93 8.50
C THR C 188 17.79 -15.86 7.47
N THR C 189 16.93 -16.59 6.76
CA THR C 189 17.36 -17.55 5.74
C THR C 189 18.24 -16.88 4.69
N MET C 190 17.88 -15.65 4.31
CA MET C 190 18.64 -14.91 3.30
C MET C 190 19.75 -14.07 3.93
N GLY D 3 11.31 -31.73 -13.75
CA GLY D 3 10.33 -30.68 -14.13
C GLY D 3 10.91 -29.31 -13.94
N SER D 4 10.05 -28.32 -13.72
CA SER D 4 10.44 -26.93 -13.51
C SER D 4 9.18 -26.18 -13.09
N VAL D 5 9.32 -25.20 -12.19
CA VAL D 5 8.19 -24.40 -11.73
C VAL D 5 7.95 -23.29 -12.72
N VAL D 6 6.73 -23.23 -13.24
CA VAL D 6 6.39 -22.20 -14.21
C VAL D 6 5.32 -21.25 -13.67
N ILE D 7 5.55 -19.95 -13.89
CA ILE D 7 4.63 -18.92 -13.44
C ILE D 7 3.49 -18.85 -14.44
N VAL D 8 2.29 -19.18 -13.98
CA VAL D 8 1.13 -19.17 -14.84
C VAL D 8 0.26 -17.93 -14.71
N GLY D 9 0.63 -17.04 -13.80
CA GLY D 9 -0.13 -15.82 -13.62
C GLY D 9 0.50 -14.95 -12.54
N ARG D 10 -0.07 -13.76 -12.34
CA ARG D 10 0.43 -12.84 -11.34
C ARG D 10 -0.72 -12.08 -10.66
N ILE D 11 -0.49 -11.66 -9.42
CA ILE D 11 -1.46 -10.92 -8.64
C ILE D 11 -0.78 -9.67 -8.11
N VAL D 12 -1.37 -8.52 -8.42
CA VAL D 12 -0.87 -7.23 -7.92
C VAL D 12 -1.82 -6.88 -6.76
N LEU D 13 -1.28 -6.82 -5.55
CA LEU D 13 -2.07 -6.56 -4.36
C LEU D 13 -2.83 -5.23 -4.30
N SER D 14 -2.27 -4.18 -4.90
CA SER D 14 -2.90 -2.86 -4.90
C SER D 14 -4.05 -2.80 -5.88
N GLY D 15 -4.13 -3.77 -6.76
CA GLY D 15 -5.18 -3.79 -7.76
C GLY D 15 -4.92 -2.78 -8.86
N LYS D 16 -3.64 -2.47 -9.09
CA LYS D 16 -3.25 -1.52 -10.12
C LYS D 16 -3.51 -1.99 -11.54
N PRO D 17 -4.36 -1.26 -12.27
CA PRO D 17 -4.65 -1.63 -13.65
C PRO D 17 -3.56 -1.12 -14.56
N ALA D 18 -3.11 0.10 -14.30
CA ALA D 18 -2.05 0.80 -15.05
C ALA D 18 -1.93 0.47 -16.54
#